data_5MMO
#
_entry.id   5MMO
#
_cell.length_a   72.040
_cell.length_b   72.040
_cell.length_c   79.330
_cell.angle_alpha   90.00
_cell.angle_beta   90.00
_cell.angle_gamma   120.00
#
_symmetry.space_group_name_H-M   'P 31 2 1'
#
loop_
_entity.id
_entity.type
_entity.pdbx_description
1 polymer 'DNA gyrase subunit B'
2 non-polymer 'prop-2-ynyl ~{N}-[[3-(ethylcarbamoylamino)-5-pyridin-4-yl-isoquinolin-8-yl]methyl]carbamate'
3 non-polymer 'PHOSPHATE ION'
4 water water
#
_entity_poly.entity_id   1
_entity_poly.type   'polypeptide(L)'
_entity_poly.pdbx_seq_one_letter_code
;MRGSHHHHHHGIDHMSNSYDSSSIKVLKGLDAVRKRPGMYIGDTDDGTGLHHMVFEVVDNAIDEALAGHCKEIIVTIHAD
NSVSVQDDGRGIPTGIHPEEGVSAAEVIMTVLHAGGKFDDNSYKVSGGLHGVGVSVVNALSQKLELVIQREGKIHRQIYE
HGVPQAPLAVTGETEKTGTMVRFWPSLETFTNVTEFEYEILAKRLRELSFLNSGVSIRLRDKRDGKEDHFHYEG
;
_entity_poly.pdbx_strand_id   A
#
loop_
_chem_comp.id
_chem_comp.type
_chem_comp.name
_chem_comp.formula
9JG non-polymer 'prop-2-ynyl ~{N}-[[3-(ethylcarbamoylamino)-5-pyridin-4-yl-isoquinolin-8-yl]methyl]carbamate' 'C22 H21 N5 O3'
PO4 non-polymer 'PHOSPHATE ION' 'O4 P -3'
#
# COMPACT_ATOMS: atom_id res chain seq x y z
N SER A 21 -8.61 22.78 -11.26
CA SER A 21 -9.53 21.69 -10.80
C SER A 21 -8.79 20.70 -9.92
N SER A 22 -9.53 19.77 -9.32
CA SER A 22 -8.92 18.71 -8.53
C SER A 22 -7.98 17.94 -9.43
N SER A 23 -8.51 17.52 -10.57
CA SER A 23 -7.73 16.83 -11.62
C SER A 23 -6.33 17.42 -11.81
N ILE A 24 -6.27 18.73 -12.07
CA ILE A 24 -4.99 19.43 -12.28
C ILE A 24 -4.14 19.43 -11.01
N LYS A 25 -4.77 19.63 -9.86
CA LYS A 25 -4.07 19.72 -8.59
C LYS A 25 -3.55 18.33 -8.22
N VAL A 26 -4.42 17.33 -8.38
CA VAL A 26 -4.06 15.92 -8.13
C VAL A 26 -2.83 15.56 -8.97
N LEU A 27 -2.83 15.92 -10.25
CA LEU A 27 -1.69 15.61 -11.14
C LEU A 27 -0.41 16.37 -10.78
N LYS A 28 -0.57 17.61 -10.37
CA LYS A 28 0.59 18.39 -9.93
C LYS A 28 1.31 17.69 -8.74
N GLY A 29 0.53 17.18 -7.80
CA GLY A 29 1.08 16.51 -6.61
C GLY A 29 1.76 15.19 -6.96
N LEU A 30 1.11 14.40 -7.82
CA LEU A 30 1.73 13.12 -8.26
C LEU A 30 3.03 13.42 -8.97
N ASP A 31 3.04 14.50 -9.76
CA ASP A 31 4.24 14.90 -10.47
C ASP A 31 5.36 15.36 -9.52
N ALA A 32 5.01 16.11 -8.48
CA ALA A 32 5.96 16.49 -7.44
C ALA A 32 6.68 15.25 -6.82
N VAL A 33 5.89 14.23 -6.50
CA VAL A 33 6.44 12.96 -5.95
C VAL A 33 7.36 12.25 -6.94
N ARG A 34 6.88 12.03 -8.16
CA ARG A 34 7.66 11.39 -9.22
C ARG A 34 8.97 12.14 -9.48
N LYS A 35 8.94 13.47 -9.38
CA LYS A 35 10.12 14.30 -9.68
C LYS A 35 11.16 14.23 -8.57
N ARG A 36 10.73 14.10 -7.31
CA ARG A 36 11.66 14.00 -6.18
C ARG A 36 11.26 12.85 -5.25
N PRO A 37 11.33 11.62 -5.75
CA PRO A 37 10.75 10.46 -5.02
C PRO A 37 11.45 10.17 -3.69
N GLY A 38 12.78 10.33 -3.66
CA GLY A 38 13.58 10.02 -2.48
C GLY A 38 13.16 10.79 -1.25
N MET A 39 12.78 12.02 -1.48
CA MET A 39 12.31 12.89 -0.44
C MET A 39 11.03 12.41 0.19
N TYR A 40 10.18 11.75 -0.62
CA TYR A 40 8.91 11.22 -0.11
C TYR A 40 8.99 9.77 0.41
N ILE A 41 9.56 8.86 -0.40
CA ILE A 41 9.52 7.42 -0.02
C ILE A 41 10.83 6.90 0.59
N GLY A 42 11.90 7.68 0.48
CA GLY A 42 13.23 7.17 0.79
C GLY A 42 14.10 6.83 -0.42
N ASP A 43 15.36 6.48 -0.15
CA ASP A 43 16.38 6.32 -1.21
C ASP A 43 15.91 5.30 -2.28
N THR A 44 15.93 5.69 -3.57
CA THR A 44 15.40 4.88 -4.67
C THR A 44 16.37 3.93 -5.30
N ASP A 45 17.59 3.93 -4.76
CA ASP A 45 18.68 3.12 -5.30
C ASP A 45 19.29 2.05 -4.40
N ASP A 46 18.94 2.03 -3.11
CA ASP A 46 19.50 1.05 -2.21
C ASP A 46 18.43 0.12 -1.62
N GLY A 47 17.22 0.18 -2.18
CA GLY A 47 16.10 -0.63 -1.69
C GLY A 47 15.33 -0.07 -0.51
N THR A 48 15.80 1.03 0.08
CA THR A 48 15.10 1.68 1.21
C THR A 48 13.70 2.10 0.84
N GLY A 49 13.58 2.93 -0.20
CA GLY A 49 12.30 3.36 -0.74
C GLY A 49 11.42 2.21 -1.19
N LEU A 50 12.03 1.26 -1.88
CA LEU A 50 11.30 0.16 -2.49
C LEU A 50 10.55 -0.60 -1.40
N HIS A 51 11.25 -0.98 -0.35
CA HIS A 51 10.58 -1.68 0.76
C HIS A 51 9.66 -0.80 1.59
N HIS A 52 10.02 0.47 1.75
N HIS A 52 10.00 0.47 1.73
CA HIS A 52 9.10 1.42 2.39
CA HIS A 52 9.07 1.38 2.39
C HIS A 52 7.71 1.46 1.74
C HIS A 52 7.70 1.49 1.73
N MET A 53 7.67 1.28 0.42
CA MET A 53 6.39 1.18 -0.34
C MET A 53 5.47 0.18 0.35
N VAL A 54 6.02 -0.98 0.70
CA VAL A 54 5.25 -2.03 1.31
C VAL A 54 4.80 -1.57 2.74
N PHE A 55 5.72 -1.00 3.49
CA PHE A 55 5.43 -0.72 4.89
C PHE A 55 4.42 0.40 5.01
N GLU A 56 4.46 1.36 4.09
CA GLU A 56 3.41 2.38 4.00
C GLU A 56 1.99 1.84 3.84
N VAL A 57 1.80 0.92 2.92
CA VAL A 57 0.51 0.21 2.79
C VAL A 57 0.12 -0.57 4.04
N VAL A 58 1.07 -1.27 4.62
CA VAL A 58 0.83 -2.07 5.82
C VAL A 58 0.45 -1.20 6.98
N ASP A 59 1.08 -0.04 7.08
CA ASP A 59 0.80 0.88 8.21
C ASP A 59 -0.69 1.19 8.32
N ASN A 60 -1.42 1.41 7.21
CA ASN A 60 -2.86 1.73 7.31
C ASN A 60 -3.71 0.52 7.78
N ALA A 61 -3.29 -0.68 7.38
CA ALA A 61 -3.89 -1.95 7.84
C ALA A 61 -3.62 -2.15 9.37
N ILE A 62 -2.40 -1.83 9.78
CA ILE A 62 -2.03 -1.85 11.23
C ILE A 62 -2.92 -0.92 12.05
N ASP A 63 -3.12 0.30 11.55
CA ASP A 63 -4.00 1.23 12.19
C ASP A 63 -5.40 0.68 12.38
N GLU A 64 -5.92 0.02 11.34
CA GLU A 64 -7.24 -0.61 11.38
C GLU A 64 -7.30 -1.76 12.43
N ALA A 65 -6.21 -2.50 12.54
CA ALA A 65 -6.04 -3.54 13.53
C ALA A 65 -5.90 -2.99 14.94
N LEU A 66 -5.18 -1.89 15.12
CA LEU A 66 -5.05 -1.30 16.46
C LEU A 66 -6.38 -0.80 16.98
N ALA A 67 -7.26 -0.38 16.06
CA ALA A 67 -8.59 0.10 16.40
C ALA A 67 -9.61 -1.02 16.63
N GLY A 68 -9.20 -2.27 16.49
CA GLY A 68 -10.05 -3.42 16.81
C GLY A 68 -10.84 -4.00 15.65
N HIS A 69 -10.54 -3.61 14.40
CA HIS A 69 -11.39 -3.98 13.23
C HIS A 69 -10.82 -5.04 12.31
N CYS A 70 -9.51 -5.18 12.38
CA CYS A 70 -8.77 -6.07 11.51
C CYS A 70 -8.06 -7.04 12.45
N LYS A 71 -8.12 -8.32 12.12
CA LYS A 71 -7.43 -9.34 12.90
C LYS A 71 -6.20 -9.93 12.20
N GLU A 72 -6.17 -9.93 10.86
CA GLU A 72 -5.06 -10.47 10.09
C GLU A 72 -4.74 -9.62 8.86
N ILE A 73 -3.44 -9.54 8.58
CA ILE A 73 -2.92 -8.79 7.44
C ILE A 73 -2.08 -9.81 6.72
N ILE A 74 -2.24 -9.86 5.40
CA ILE A 74 -1.45 -10.76 4.59
C ILE A 74 -0.69 -10.00 3.54
N VAL A 75 0.60 -10.18 3.59
CA VAL A 75 1.51 -9.59 2.61
C VAL A 75 1.99 -10.69 1.70
N THR A 76 1.77 -10.48 0.40
CA THR A 76 2.16 -11.46 -0.60
C THR A 76 3.13 -10.84 -1.61
N ILE A 77 4.28 -11.46 -1.79
CA ILE A 77 5.20 -11.09 -2.88
C ILE A 77 4.82 -11.99 -4.09
N HIS A 78 4.40 -11.37 -5.19
CA HIS A 78 4.06 -12.06 -6.43
C HIS A 78 5.27 -12.31 -7.34
N ALA A 79 5.13 -13.25 -8.26
CA ALA A 79 6.24 -13.60 -9.12
C ALA A 79 6.53 -12.53 -10.13
N ASP A 80 5.57 -11.67 -10.41
CA ASP A 80 5.80 -10.51 -11.27
C ASP A 80 6.43 -9.29 -10.55
N ASN A 81 6.89 -9.53 -9.32
CA ASN A 81 7.52 -8.48 -8.50
C ASN A 81 6.57 -7.31 -8.12
N SER A 82 5.27 -7.60 -8.08
CA SER A 82 4.32 -6.77 -7.39
C SER A 82 4.19 -7.32 -5.95
N VAL A 83 3.54 -6.54 -5.10
CA VAL A 83 3.26 -6.94 -3.75
C VAL A 83 1.80 -6.58 -3.47
N SER A 84 1.09 -7.50 -2.83
N SER A 84 1.09 -7.53 -2.85
CA SER A 84 -0.24 -7.21 -2.32
CA SER A 84 -0.27 -7.29 -2.32
C SER A 84 -0.20 -7.18 -0.81
C SER A 84 -0.19 -7.17 -0.80
N VAL A 85 -1.03 -6.30 -0.27
CA VAL A 85 -1.36 -6.28 1.16
C VAL A 85 -2.85 -6.38 1.27
N GLN A 86 -3.32 -7.32 2.08
CA GLN A 86 -4.74 -7.43 2.32
C GLN A 86 -5.00 -7.51 3.81
N ASP A 87 -6.13 -6.94 4.18
CA ASP A 87 -6.63 -7.06 5.54
C ASP A 87 -8.10 -7.45 5.55
N ASP A 88 -8.57 -7.78 6.74
CA ASP A 88 -9.94 -8.23 6.96
C ASP A 88 -10.72 -7.23 7.80
N GLY A 89 -10.35 -5.96 7.66
CA GLY A 89 -10.94 -4.85 8.39
C GLY A 89 -12.23 -4.41 7.74
N ARG A 90 -12.61 -3.16 7.98
CA ARG A 90 -13.88 -2.62 7.50
C ARG A 90 -13.99 -2.26 6.02
N GLY A 91 -12.86 -2.22 5.33
CA GLY A 91 -12.81 -1.67 4.00
C GLY A 91 -12.64 -0.15 4.08
N ILE A 92 -11.82 0.42 3.20
CA ILE A 92 -11.72 1.87 3.03
C ILE A 92 -13.08 2.42 2.56
N PRO A 93 -13.56 3.54 3.16
CA PRO A 93 -14.84 4.15 2.75
C PRO A 93 -14.96 4.42 1.27
N THR A 94 -16.16 4.13 0.72
CA THR A 94 -16.38 4.16 -0.73
C THR A 94 -17.18 5.39 -1.23
N GLY A 95 -17.98 6.00 -0.38
CA GLY A 95 -18.90 7.05 -0.80
C GLY A 95 -18.22 8.30 -1.32
N ILE A 96 -18.94 8.98 -2.21
CA ILE A 96 -18.52 10.25 -2.79
C ILE A 96 -18.81 11.35 -1.77
N HIS A 97 -17.76 11.90 -1.16
CA HIS A 97 -17.91 13.07 -0.29
C HIS A 97 -18.21 14.30 -1.17
N PRO A 98 -19.10 15.19 -0.71
CA PRO A 98 -19.64 16.25 -1.57
C PRO A 98 -18.57 17.11 -2.26
N GLU A 99 -17.60 17.57 -1.47
CA GLU A 99 -16.66 18.61 -1.88
C GLU A 99 -15.45 18.16 -2.73
N GLU A 100 -15.29 16.84 -2.96
CA GLU A 100 -14.24 16.33 -3.88
C GLU A 100 -14.83 15.69 -5.15
N GLY A 101 -16.01 15.10 -5.03
CA GLY A 101 -16.72 14.55 -6.21
C GLY A 101 -16.19 13.23 -6.73
N VAL A 102 -15.28 12.61 -5.99
CA VAL A 102 -14.85 11.23 -6.27
C VAL A 102 -14.84 10.48 -4.95
N SER A 103 -14.83 9.15 -5.03
CA SER A 103 -14.89 8.31 -3.83
C SER A 103 -13.86 8.76 -2.81
N ALA A 104 -14.20 8.60 -1.54
CA ALA A 104 -13.24 8.80 -0.45
C ALA A 104 -11.99 7.94 -0.62
N ALA A 105 -12.16 6.74 -1.15
CA ALA A 105 -11.00 5.84 -1.39
C ALA A 105 -10.04 6.48 -2.39
N GLU A 106 -10.59 7.00 -3.48
CA GLU A 106 -9.81 7.68 -4.49
C GLU A 106 -9.08 8.94 -3.95
N VAL A 107 -9.76 9.71 -3.10
CA VAL A 107 -9.09 10.84 -2.45
C VAL A 107 -7.87 10.33 -1.65
N ILE A 108 -8.07 9.29 -0.86
CA ILE A 108 -7.01 8.70 -0.04
C ILE A 108 -5.84 8.22 -0.90
N MET A 109 -6.16 7.61 -2.02
CA MET A 109 -5.17 7.05 -2.90
C MET A 109 -4.47 8.08 -3.79
N THR A 110 -5.04 9.28 -3.93
CA THR A 110 -4.49 10.28 -4.89
C THR A 110 -4.05 11.62 -4.30
N VAL A 111 -4.58 12.02 -3.15
CA VAL A 111 -4.26 13.35 -2.60
C VAL A 111 -3.14 13.23 -1.60
N LEU A 112 -2.11 14.05 -1.79
CA LEU A 112 -0.91 13.99 -0.94
C LEU A 112 -1.19 14.25 0.53
N ASP A 120 11.46 15.32 4.73
CA ASP A 120 12.54 14.78 3.91
C ASP A 120 13.00 13.38 4.38
N ASN A 121 12.69 12.38 3.56
CA ASN A 121 13.11 10.98 3.77
C ASN A 121 14.35 10.58 2.96
N SER A 122 14.90 11.53 2.18
CA SER A 122 16.01 11.26 1.22
C SER A 122 17.14 10.37 1.82
N TYR A 123 17.68 10.80 2.96
CA TYR A 123 18.83 10.16 3.58
C TYR A 123 18.49 9.36 4.86
N LYS A 124 17.21 9.12 5.10
CA LYS A 124 16.81 8.29 6.23
C LYS A 124 17.16 6.80 5.96
N VAL A 125 17.20 6.03 7.04
CA VAL A 125 17.63 4.64 7.01
C VAL A 125 16.60 3.80 7.77
N SER A 126 16.03 2.80 7.08
CA SER A 126 15.22 1.73 7.71
C SER A 126 14.02 2.26 8.53
N GLY A 127 14.01 2.05 9.86
CA GLY A 127 12.90 2.47 10.76
C GLY A 127 12.85 3.96 11.09
N GLY A 128 13.94 4.69 10.79
CA GLY A 128 13.99 6.14 10.93
C GLY A 128 13.28 6.94 9.83
N LEU A 129 12.55 6.28 8.93
CA LEU A 129 11.74 7.00 7.93
C LEU A 129 10.33 7.39 8.45
N HIS A 130 9.88 8.57 8.02
CA HIS A 130 8.56 9.09 8.41
C HIS A 130 7.45 8.64 7.43
N GLY A 131 6.24 8.47 7.98
CA GLY A 131 5.05 8.04 7.22
C GLY A 131 4.53 9.14 6.31
N VAL A 132 4.32 8.81 5.03
CA VAL A 132 3.96 9.78 4.00
C VAL A 132 2.64 9.50 3.31
N GLY A 133 2.06 8.34 3.52
CA GLY A 133 0.75 8.08 2.99
C GLY A 133 0.79 7.29 1.72
N VAL A 134 -0.28 6.54 1.51
CA VAL A 134 -0.42 5.66 0.39
C VAL A 134 -0.52 6.35 -1.00
N SER A 135 -0.90 7.63 -1.06
CA SER A 135 -0.87 8.34 -2.34
C SER A 135 0.55 8.42 -2.93
N VAL A 136 1.55 8.42 -2.07
CA VAL A 136 2.97 8.39 -2.52
C VAL A 136 3.28 7.01 -3.15
N VAL A 137 2.80 5.94 -2.54
CA VAL A 137 2.99 4.60 -3.09
C VAL A 137 2.34 4.52 -4.46
N ASN A 138 1.14 5.10 -4.56
CA ASN A 138 0.41 5.12 -5.81
C ASN A 138 1.16 5.88 -6.91
N ALA A 139 1.68 7.05 -6.57
CA ALA A 139 2.38 7.89 -7.54
C ALA A 139 3.62 7.19 -8.06
N LEU A 140 4.24 6.39 -7.21
CA LEU A 140 5.49 5.71 -7.54
C LEU A 140 5.30 4.26 -8.01
N SER A 141 4.08 3.90 -8.34
CA SER A 141 3.74 2.57 -8.85
C SER A 141 3.33 2.70 -10.31
N GLN A 142 3.95 1.89 -11.16
CA GLN A 142 3.53 1.74 -12.58
C GLN A 142 2.06 1.37 -12.67
N LYS A 143 1.62 0.51 -11.75
CA LYS A 143 0.18 0.13 -11.64
C LYS A 143 -0.14 -0.12 -10.17
N LEU A 144 -1.37 0.19 -9.79
CA LEU A 144 -1.88 -0.18 -8.49
C LEU A 144 -3.35 -0.56 -8.59
N GLU A 145 -3.70 -1.70 -7.97
CA GLU A 145 -5.08 -2.11 -7.91
C GLU A 145 -5.57 -2.03 -6.48
N LEU A 146 -6.72 -1.40 -6.32
CA LEU A 146 -7.41 -1.34 -5.06
C LEU A 146 -8.73 -2.15 -5.09
N VAL A 147 -8.90 -3.08 -4.16
CA VAL A 147 -10.14 -3.86 -3.99
C VAL A 147 -10.66 -3.76 -2.57
N ILE A 148 -11.91 -3.29 -2.43
CA ILE A 148 -12.50 -3.04 -1.14
C ILE A 148 -13.77 -3.87 -1.03
N GLN A 149 -13.90 -4.62 0.07
CA GLN A 149 -15.10 -5.42 0.39
C GLN A 149 -15.75 -4.68 1.56
N ARG A 150 -16.93 -4.11 1.29
CA ARG A 150 -17.58 -3.22 2.24
C ARG A 150 -19.06 -3.05 1.94
N GLU A 151 -19.85 -3.17 2.99
CA GLU A 151 -21.29 -2.90 2.93
C GLU A 151 -21.92 -3.80 1.86
N GLY A 152 -21.49 -5.07 1.87
CA GLY A 152 -22.07 -6.13 1.07
C GLY A 152 -21.56 -6.24 -0.35
N LYS A 153 -20.55 -5.45 -0.70
CA LYS A 153 -20.19 -5.23 -2.09
C LYS A 153 -18.69 -5.23 -2.29
N ILE A 154 -18.26 -5.74 -3.44
CA ILE A 154 -16.85 -5.67 -3.87
C ILE A 154 -16.69 -4.46 -4.80
N HIS A 155 -15.69 -3.62 -4.49
CA HIS A 155 -15.40 -2.39 -5.24
C HIS A 155 -13.96 -2.48 -5.74
N ARG A 156 -13.69 -1.95 -6.95
CA ARG A 156 -12.40 -2.06 -7.62
C ARG A 156 -12.04 -0.74 -8.23
N GLN A 157 -10.75 -0.37 -8.14
CA GLN A 157 -10.17 0.74 -8.89
C GLN A 157 -8.73 0.46 -9.23
N ILE A 158 -8.33 0.83 -10.45
CA ILE A 158 -7.02 0.59 -10.99
C ILE A 158 -6.45 1.94 -11.28
N TYR A 159 -5.14 2.06 -11.03
CA TYR A 159 -4.38 3.29 -11.25
C TYR A 159 -3.13 2.94 -12.02
N GLU A 160 -2.65 3.94 -12.77
CA GLU A 160 -1.39 3.89 -13.50
C GLU A 160 -0.62 5.18 -13.14
N HIS A 161 0.51 5.01 -12.46
CA HIS A 161 1.28 6.12 -11.88
C HIS A 161 0.39 7.12 -11.14
N GLY A 162 -0.61 6.63 -10.42
CA GLY A 162 -1.53 7.47 -9.66
C GLY A 162 -2.81 7.88 -10.36
N VAL A 163 -2.85 7.75 -11.68
CA VAL A 163 -4.01 8.20 -12.47
C VAL A 163 -5.00 7.07 -12.56
N PRO A 164 -6.19 7.28 -12.00
CA PRO A 164 -7.19 6.21 -12.09
C PRO A 164 -7.66 5.90 -13.53
N GLN A 165 -7.89 4.64 -13.81
CA GLN A 165 -8.42 4.27 -15.13
C GLN A 165 -9.86 4.70 -15.28
N ALA A 166 -10.54 4.65 -14.15
CA ALA A 166 -11.95 4.90 -14.06
C ALA A 166 -12.29 5.10 -12.59
N PRO A 167 -13.46 5.72 -12.33
CA PRO A 167 -13.98 5.82 -10.97
C PRO A 167 -14.18 4.47 -10.29
N LEU A 168 -13.91 4.45 -9.00
CA LEU A 168 -14.21 3.31 -8.16
C LEU A 168 -15.59 2.71 -8.46
N ALA A 169 -15.62 1.39 -8.67
CA ALA A 169 -16.81 0.74 -9.20
C ALA A 169 -17.15 -0.55 -8.48
N VAL A 170 -18.45 -0.88 -8.45
CA VAL A 170 -18.92 -2.12 -7.84
C VAL A 170 -18.77 -3.24 -8.84
N THR A 171 -18.10 -4.31 -8.45
CA THR A 171 -17.83 -5.44 -9.36
C THR A 171 -18.40 -6.76 -8.88
N GLY A 172 -19.02 -6.74 -7.71
CA GLY A 172 -19.51 -7.96 -7.08
C GLY A 172 -20.25 -7.73 -5.80
N GLU A 173 -20.72 -8.84 -5.23
CA GLU A 173 -21.39 -8.82 -3.94
C GLU A 173 -20.63 -9.77 -3.02
N THR A 174 -20.54 -9.41 -1.74
CA THR A 174 -19.82 -10.22 -0.77
C THR A 174 -20.33 -9.96 0.64
N GLU A 175 -20.16 -10.93 1.53
CA GLU A 175 -20.46 -10.75 2.95
C GLU A 175 -19.16 -10.54 3.75
N LYS A 176 -18.01 -10.65 3.11
CA LYS A 176 -16.73 -10.32 3.78
C LYS A 176 -16.43 -8.83 3.69
N THR A 177 -15.52 -8.39 4.56
CA THR A 177 -15.07 -7.01 4.56
C THR A 177 -13.54 -6.99 4.57
N GLY A 178 -12.98 -5.97 3.94
CA GLY A 178 -11.53 -5.81 3.94
C GLY A 178 -11.03 -4.94 2.83
N THR A 179 -9.72 -4.72 2.82
CA THR A 179 -9.10 -3.87 1.82
C THR A 179 -7.90 -4.60 1.29
N MET A 180 -7.71 -4.52 -0.03
CA MET A 180 -6.54 -5.11 -0.66
C MET A 180 -5.95 -4.09 -1.59
N VAL A 181 -4.62 -3.87 -1.45
CA VAL A 181 -3.83 -3.08 -2.34
C VAL A 181 -2.72 -3.97 -2.91
N ARG A 182 -2.64 -3.99 -4.23
CA ARG A 182 -1.56 -4.59 -4.98
C ARG A 182 -0.91 -3.53 -5.85
N PHE A 183 0.40 -3.45 -5.76
CA PHE A 183 1.14 -2.46 -6.53
C PHE A 183 2.40 -3.02 -7.18
N TRP A 184 2.68 -2.44 -8.33
CA TRP A 184 3.82 -2.74 -9.16
C TRP A 184 4.72 -1.51 -9.15
N PRO A 185 5.87 -1.56 -8.46
CA PRO A 185 6.69 -0.34 -8.32
C PRO A 185 7.22 0.16 -9.66
N SER A 186 7.24 1.47 -9.89
CA SER A 186 7.70 1.97 -11.16
C SER A 186 9.20 1.77 -11.33
N LEU A 187 9.61 1.22 -12.47
CA LEU A 187 11.03 1.08 -12.81
C LEU A 187 11.62 2.39 -13.32
N GLU A 188 10.76 3.38 -13.54
CA GLU A 188 11.20 4.73 -13.81
C GLU A 188 11.79 5.38 -12.51
N THR A 189 11.34 4.91 -11.34
CA THR A 189 11.77 5.46 -10.04
C THR A 189 12.87 4.64 -9.36
N PHE A 190 12.67 3.33 -9.29
CA PHE A 190 13.51 2.47 -8.49
C PHE A 190 14.53 1.83 -9.38
N THR A 191 15.79 1.91 -8.97
CA THR A 191 16.93 1.38 -9.73
C THR A 191 17.80 0.59 -8.80
N ASN A 192 18.61 -0.31 -9.36
CA ASN A 192 19.61 -1.10 -8.62
C ASN A 192 19.02 -2.22 -7.76
N VAL A 193 18.37 -1.84 -6.66
CA VAL A 193 17.56 -2.77 -5.91
C VAL A 193 16.12 -2.62 -6.41
N THR A 194 15.67 -3.54 -7.27
CA THR A 194 14.33 -3.45 -7.86
C THR A 194 13.41 -4.62 -7.47
N GLU A 195 14.01 -5.67 -6.92
CA GLU A 195 13.20 -6.81 -6.48
C GLU A 195 13.10 -6.85 -4.94
N PHE A 196 11.94 -7.22 -4.46
CA PHE A 196 11.70 -7.28 -3.02
C PHE A 196 12.55 -8.41 -2.41
N GLU A 197 13.11 -8.13 -1.23
N GLU A 197 13.24 -8.07 -1.31
CA GLU A 197 13.93 -9.08 -0.52
CA GLU A 197 13.97 -9.01 -0.48
C GLU A 197 13.09 -9.59 0.64
C GLU A 197 13.05 -9.56 0.61
N TYR A 198 12.78 -10.86 0.57
CA TYR A 198 11.97 -11.50 1.57
C TYR A 198 12.39 -11.19 2.99
N GLU A 199 13.69 -11.27 3.24
CA GLU A 199 14.20 -11.10 4.59
C GLU A 199 14.01 -9.67 5.10
N ILE A 200 14.01 -8.68 4.22
CA ILE A 200 13.82 -7.29 4.68
C ILE A 200 12.37 -7.12 5.14
N LEU A 201 11.46 -7.67 4.33
CA LEU A 201 10.06 -7.67 4.68
C LEU A 201 9.76 -8.51 5.92
N ALA A 202 10.35 -9.72 6.00
CA ALA A 202 10.13 -10.61 7.18
C ALA A 202 10.57 -9.91 8.46
N LYS A 203 11.78 -9.33 8.43
CA LYS A 203 12.31 -8.72 9.62
C LYS A 203 11.40 -7.59 10.13
N ARG A 204 11.02 -6.67 9.26
CA ARG A 204 10.19 -5.57 9.65
C ARG A 204 8.75 -5.98 9.96
N LEU A 205 8.19 -6.96 9.26
CA LEU A 205 6.82 -7.38 9.57
C LEU A 205 6.76 -8.09 10.92
N ARG A 206 7.82 -8.81 11.28
CA ARG A 206 7.87 -9.45 12.56
C ARG A 206 7.89 -8.35 13.65
N GLU A 207 8.68 -7.32 13.44
CA GLU A 207 8.80 -6.20 14.40
C GLU A 207 7.45 -5.50 14.55
N LEU A 208 6.78 -5.32 13.42
CA LEU A 208 5.43 -4.71 13.43
C LEU A 208 4.39 -5.50 14.18
N SER A 209 4.41 -6.81 14.06
CA SER A 209 3.48 -7.60 14.85
C SER A 209 3.78 -7.56 16.35
N PHE A 210 5.07 -7.48 16.71
CA PHE A 210 5.49 -7.36 18.10
C PHE A 210 5.04 -6.01 18.68
N LEU A 211 5.24 -4.97 17.87
CA LEU A 211 4.91 -3.60 18.23
C LEU A 211 3.43 -3.24 18.20
N ASN A 212 2.58 -4.15 17.72
CA ASN A 212 1.12 -3.99 17.71
C ASN A 212 0.48 -5.33 18.08
N SER A 213 0.67 -5.71 19.36
CA SER A 213 0.31 -7.06 19.88
C SER A 213 -1.15 -7.45 19.61
N GLY A 214 -1.36 -8.73 19.32
CA GLY A 214 -2.66 -9.22 18.91
C GLY A 214 -2.77 -9.41 17.41
N VAL A 215 -2.21 -8.48 16.62
CA VAL A 215 -2.31 -8.52 15.16
C VAL A 215 -1.45 -9.60 14.50
N SER A 216 -2.15 -10.47 13.78
CA SER A 216 -1.53 -11.51 13.00
C SER A 216 -1.08 -10.91 11.64
N ILE A 217 0.18 -11.11 11.31
CA ILE A 217 0.70 -10.78 9.99
C ILE A 217 1.28 -12.03 9.34
N ARG A 218 0.83 -12.31 8.13
CA ARG A 218 1.41 -13.37 7.32
C ARG A 218 2.18 -12.81 6.14
N LEU A 219 3.29 -13.45 5.81
CA LEU A 219 4.12 -13.08 4.67
C LEU A 219 4.25 -14.32 3.78
N ARG A 220 3.87 -14.15 2.52
CA ARG A 220 3.95 -15.23 1.51
C ARG A 220 4.82 -14.81 0.34
N ASP A 221 5.81 -15.62 -0.03
CA ASP A 221 6.60 -15.37 -1.22
C ASP A 221 6.21 -16.36 -2.31
N LYS A 222 5.53 -15.87 -3.34
CA LYS A 222 5.14 -16.77 -4.45
C LYS A 222 6.31 -17.11 -5.38
N ARG A 223 7.45 -16.45 -5.21
CA ARG A 223 8.59 -16.75 -6.04
C ARG A 223 9.23 -18.09 -5.63
N ASP A 224 9.32 -18.35 -4.33
CA ASP A 224 9.97 -19.58 -3.86
C ASP A 224 9.16 -20.37 -2.86
N GLY A 225 7.91 -19.99 -2.65
CA GLY A 225 7.02 -20.69 -1.71
C GLY A 225 7.24 -20.42 -0.23
N LYS A 226 8.18 -19.54 0.13
CA LYS A 226 8.43 -19.20 1.54
C LYS A 226 7.18 -18.59 2.16
N GLU A 227 6.97 -18.89 3.43
CA GLU A 227 5.87 -18.32 4.16
C GLU A 227 6.24 -18.13 5.63
N ASP A 228 5.64 -17.14 6.27
CA ASP A 228 5.85 -16.88 7.70
C ASP A 228 4.58 -16.32 8.29
N HIS A 229 4.44 -16.45 9.60
CA HIS A 229 3.27 -15.98 10.32
C HIS A 229 3.78 -15.37 11.60
N PHE A 230 3.60 -14.06 11.72
CA PHE A 230 4.05 -13.33 12.87
C PHE A 230 2.88 -12.91 13.74
N HIS A 231 2.94 -13.26 15.02
CA HIS A 231 1.89 -12.89 15.97
C HIS A 231 2.44 -12.94 17.39
N TYR A 232 1.96 -12.03 18.22
CA TYR A 232 2.28 -12.00 19.65
C TYR A 232 0.92 -11.91 20.42
N GLU A 233 0.86 -12.47 21.62
CA GLU A 233 -0.40 -12.47 22.38
C GLU A 233 -0.17 -12.65 23.88
O27 9JG B . -5.42 0.52 4.08
C25 9JG B . -5.77 -0.53 4.55
N28 9JG B . -5.23 -1.71 4.17
C29 9JG B . -4.20 -1.85 3.15
C30 9JG B . -4.36 -3.15 2.41
N22 9JG B . -6.81 -0.67 5.44
C19 9JG B . -7.70 0.28 5.83
N17 9JG B . -8.88 -0.17 6.38
C13 9JG B . -9.85 0.72 6.72
C10 9JG B . -9.67 2.10 6.57
C16 9JG B . -7.47 1.64 5.69
C12 9JG B . -8.44 2.59 6.07
C15 9JG B . -8.25 3.98 5.89
C18 9JG B . -7.02 4.57 5.34
C21 9JG B . -6.35 3.98 4.27
C24 9JG B . -5.21 4.55 3.75
N26 9JG B . -4.71 5.68 4.26
C23 9JG B . -5.33 6.32 5.28
C20 9JG B . -6.49 5.79 5.83
C14 9JG B . -9.26 4.87 6.28
C11 9JG B . -10.44 4.39 6.81
C8 9JG B . -10.64 3.00 6.99
C6 9JG B . -11.94 2.45 7.57
N4 9JG B . -12.64 3.42 8.37
C2 9JG B . -13.97 3.47 8.52
O1 9JG B . -14.73 2.69 7.95
O3 9JG B . -14.57 4.47 9.40
C5 9JG B . -15.99 4.39 9.59
C7 9JG B . -16.70 4.99 8.43
C9 9JG B . -17.28 5.58 7.45
P PO4 C . -19.05 4.74 2.88
O1 PO4 C . -20.47 4.37 2.48
O2 PO4 C . -18.97 5.07 4.37
O3 PO4 C . -18.58 5.95 2.09
O4 PO4 C . -18.16 3.54 2.62
#